data_6VDI
#
_entry.id   6VDI
#
_cell.length_a   84.700
_cell.length_b   84.700
_cell.length_c   196.000
_cell.angle_alpha   90.000
_cell.angle_beta   90.000
_cell.angle_gamma   120.000
#
_symmetry.space_group_name_H-M   'P 31 2 1'
#
loop_
_entity.id
_entity.type
_entity.pdbx_description
1 polymer 'lactate dehydrogenase'
2 non-polymer 'SULFATE ION'
3 water water
#
_entity_poly.entity_id   1
_entity_poly.type   'polypeptide(L)'
_entity_poly.pdbx_seq_one_letter_code
;MAVFEQNKRPKISLIGSGMIGGTMAYLCALKELGDVVLFDVVKNMPQGKALDLSHSTSVADTNVKVTGTNSYEDIKGSDV
VIITAGLTKVPGKSDKEWSRDDLLPINAKIMKEVGENIKKYCPNAFVICITNPLDVMVKVLQEASGLPHNKVCGMAGVLD
SSRFRYFIAEKLNVSPRDVQAMVIGAHGDNMVPLPRYVTVNGIPLQEFIKKGWITQEEIDEIVERTRNAGGEIVNLLGTG
SAYFAPAASAIAMAEAYLKDQKRVLPCSCYLEGQYGVKDLYVGVPVVIGGNGVEKVIELELTPEEKEMFDKSIEEVRELV
KALEALDAPA
;
_entity_poly.pdbx_strand_id   A,B
#
# COMPACT_ATOMS: atom_id res chain seq x y z
N ASN A 7 12.09 -27.13 -7.13
CA ASN A 7 12.44 -25.71 -7.25
C ASN A 7 11.31 -24.81 -6.77
N LYS A 8 11.60 -23.96 -5.78
CA LYS A 8 10.57 -23.24 -5.05
C LYS A 8 10.86 -21.74 -4.97
N ARG A 9 9.79 -20.98 -5.10
CA ARG A 9 9.79 -19.54 -4.90
C ARG A 9 9.92 -19.21 -3.42
N PRO A 10 10.59 -18.10 -3.07
CA PRO A 10 10.66 -17.71 -1.66
C PRO A 10 9.26 -17.54 -1.09
N LYS A 11 9.09 -17.94 0.17
CA LYS A 11 7.82 -17.90 0.87
C LYS A 11 7.91 -16.93 2.03
N ILE A 12 7.02 -15.96 2.07
CA ILE A 12 7.00 -14.91 3.07
C ILE A 12 5.66 -14.95 3.77
N SER A 13 5.68 -15.24 5.06
CA SER A 13 4.47 -15.34 5.87
C SER A 13 4.36 -14.13 6.79
N LEU A 14 3.20 -13.48 6.75
CA LEU A 14 2.90 -12.34 7.60
C LEU A 14 1.96 -12.80 8.69
N ILE A 15 2.48 -12.91 9.92
CA ILE A 15 1.70 -13.32 11.08
C ILE A 15 0.96 -12.10 11.61
N GLY A 16 -0.27 -11.90 11.14
CA GLY A 16 -0.98 -10.67 11.39
C GLY A 16 -1.24 -9.91 10.10
N SER A 17 -2.52 -9.76 9.76
CA SER A 17 -2.94 -9.20 8.48
C SER A 17 -3.64 -7.86 8.67
N GLY A 18 -3.21 -7.08 9.67
CA GLY A 18 -3.76 -5.76 9.95
C GLY A 18 -3.28 -4.72 8.97
N MET A 19 -3.16 -3.47 9.44
CA MET A 19 -2.74 -2.40 8.55
C MET A 19 -1.31 -2.63 8.08
N ILE A 20 -0.39 -2.79 9.03
CA ILE A 20 1.01 -2.99 8.67
C ILE A 20 1.16 -4.27 7.85
N GLY A 21 0.54 -5.35 8.32
CA GLY A 21 0.69 -6.62 7.64
C GLY A 21 0.30 -6.57 6.18
N GLY A 22 -0.90 -6.04 5.90
CA GLY A 22 -1.35 -5.96 4.52
C GLY A 22 -0.47 -5.05 3.67
N THR A 23 -0.02 -3.93 4.24
CA THR A 23 0.91 -3.07 3.52
C THR A 23 2.19 -3.84 3.16
N MET A 24 2.67 -4.66 4.08
CA MET A 24 3.87 -5.44 3.79
C MET A 24 3.61 -6.43 2.67
N ALA A 25 2.40 -6.99 2.61
CA ALA A 25 2.08 -7.92 1.53
C ALA A 25 2.09 -7.24 0.17
N TYR A 26 1.46 -6.07 0.08
CA TYR A 26 1.52 -5.29 -1.16
C TYR A 26 2.97 -5.07 -1.58
N LEU A 27 3.80 -4.61 -0.65
CA LEU A 27 5.21 -4.43 -0.97
C LEU A 27 5.81 -5.71 -1.52
N CYS A 28 5.57 -6.83 -0.84
CA CYS A 28 6.15 -8.10 -1.30
C CYS A 28 5.69 -8.43 -2.71
N ALA A 29 4.44 -8.10 -3.04
CA ALA A 29 3.91 -8.37 -4.37
C ALA A 29 4.45 -7.38 -5.40
N LEU A 30 4.50 -6.11 -5.04
CA LEU A 30 5.09 -5.13 -5.95
C LEU A 30 6.54 -5.46 -6.28
N LYS A 31 7.25 -6.11 -5.36
CA LYS A 31 8.68 -6.35 -5.52
C LYS A 31 8.99 -7.80 -5.91
N GLU A 32 7.97 -8.62 -6.16
CA GLU A 32 8.14 -10.04 -6.50
C GLU A 32 9.16 -10.70 -5.57
N LEU A 33 9.06 -10.36 -4.28
CA LEU A 33 9.98 -10.94 -3.31
C LEU A 33 9.70 -12.43 -3.11
N GLY A 34 8.46 -12.86 -3.23
CA GLY A 34 8.13 -14.25 -3.03
C GLY A 34 6.62 -14.40 -2.92
N ASP A 35 6.20 -15.64 -2.71
CA ASP A 35 4.80 -15.85 -2.40
C ASP A 35 4.52 -15.38 -0.97
N VAL A 36 3.38 -14.72 -0.79
CA VAL A 36 3.00 -14.08 0.46
C VAL A 36 1.86 -14.87 1.08
N VAL A 37 1.99 -15.17 2.38
CA VAL A 37 0.94 -15.81 3.16
C VAL A 37 0.55 -14.84 4.25
N LEU A 38 -0.67 -14.32 4.18
CA LEU A 38 -1.21 -13.44 5.22
C LEU A 38 -1.96 -14.31 6.21
N PHE A 39 -1.46 -14.39 7.44
CA PHE A 39 -2.12 -15.12 8.51
C PHE A 39 -2.76 -14.14 9.49
N ASP A 40 -3.94 -14.49 9.98
CA ASP A 40 -4.58 -13.71 11.04
C ASP A 40 -5.59 -14.61 11.75
N VAL A 41 -5.86 -14.28 13.01
CA VAL A 41 -6.86 -15.04 13.77
C VAL A 41 -8.28 -14.63 13.39
N VAL A 42 -8.46 -13.48 12.76
CA VAL A 42 -9.78 -13.00 12.36
C VAL A 42 -10.21 -13.72 11.08
N LYS A 43 -11.30 -14.47 11.16
CA LYS A 43 -11.68 -15.33 10.05
C LYS A 43 -12.07 -14.49 8.82
N ASN A 44 -11.63 -14.97 7.64
CA ASN A 44 -11.96 -14.40 6.33
C ASN A 44 -11.18 -13.14 5.99
N MET A 45 -10.89 -12.30 6.97
CA MET A 45 -10.35 -11.00 6.64
C MET A 45 -9.09 -11.12 5.80
N PRO A 46 -8.12 -11.92 6.26
CA PRO A 46 -6.88 -12.07 5.48
C PRO A 46 -7.18 -12.59 4.09
N GLN A 47 -8.06 -13.59 3.98
CA GLN A 47 -8.45 -14.14 2.68
C GLN A 47 -8.97 -13.03 1.77
N GLY A 48 -9.69 -12.05 2.34
CA GLY A 48 -10.23 -10.95 1.54
C GLY A 48 -9.16 -9.98 1.10
N LYS A 49 -8.22 -9.68 2.00
CA LYS A 49 -7.10 -8.83 1.58
C LYS A 49 -6.28 -9.53 0.52
N ALA A 50 -6.14 -10.86 0.63
CA ALA A 50 -5.34 -11.59 -0.34
C ALA A 50 -5.97 -11.55 -1.73
N LEU A 51 -7.29 -11.70 -1.82
CA LEU A 51 -7.96 -11.56 -3.10
C LEU A 51 -7.69 -10.19 -3.70
N ASP A 52 -7.83 -9.13 -2.90
CA ASP A 52 -7.58 -7.78 -3.37
C ASP A 52 -6.16 -7.68 -3.90
N LEU A 53 -5.19 -8.21 -3.16
CA LEU A 53 -3.80 -8.15 -3.58
C LEU A 53 -3.55 -9.00 -4.82
N SER A 54 -4.21 -10.16 -4.93
CA SER A 54 -4.00 -11.00 -6.10
C SER A 54 -4.41 -10.26 -7.37
N HIS A 55 -5.58 -9.61 -7.33
CA HIS A 55 -6.00 -8.73 -8.42
C HIS A 55 -4.97 -7.63 -8.69
N SER A 56 -4.33 -7.09 -7.64
CA SER A 56 -3.36 -6.03 -7.89
C SER A 56 -2.19 -6.52 -8.75
N THR A 57 -1.93 -7.83 -8.75
CA THR A 57 -0.80 -8.34 -9.52
C THR A 57 -1.04 -8.25 -11.02
N SER A 58 -2.29 -8.42 -11.47
CA SER A 58 -2.61 -8.21 -12.88
C SER A 58 -2.24 -6.81 -13.32
N VAL A 59 -2.40 -5.82 -12.45
CA VAL A 59 -2.02 -4.46 -12.80
C VAL A 59 -0.51 -4.31 -12.79
N ALA A 60 0.17 -5.00 -11.88
CA ALA A 60 1.62 -4.93 -11.85
C ALA A 60 2.28 -5.90 -12.82
N ASP A 61 1.49 -6.66 -13.58
CA ASP A 61 1.98 -7.68 -14.50
C ASP A 61 2.99 -8.61 -13.81
N THR A 62 2.60 -9.15 -12.66
CA THR A 62 3.40 -10.12 -11.94
C THR A 62 2.60 -11.40 -11.72
N ASN A 63 3.31 -12.43 -11.23
CA ASN A 63 2.79 -13.77 -11.01
C ASN A 63 2.76 -14.12 -9.52
N VAL A 64 2.89 -13.11 -8.67
CA VAL A 64 3.03 -13.33 -7.24
C VAL A 64 1.78 -14.02 -6.70
N LYS A 65 1.98 -15.12 -5.99
CA LYS A 65 0.89 -15.80 -5.30
C LYS A 65 0.75 -15.21 -3.90
N VAL A 66 -0.44 -14.68 -3.60
CA VAL A 66 -0.76 -14.12 -2.30
C VAL A 66 -1.99 -14.84 -1.76
N THR A 67 -1.87 -15.44 -0.58
CA THR A 67 -2.96 -16.21 0.00
C THR A 67 -3.21 -15.78 1.44
N GLY A 68 -4.48 -15.79 1.83
CA GLY A 68 -4.88 -15.50 3.19
C GLY A 68 -5.31 -16.77 3.90
N THR A 69 -5.13 -16.79 5.21
CA THR A 69 -5.40 -18.01 5.94
C THR A 69 -5.60 -17.69 7.42
N ASN A 70 -6.30 -18.59 8.09
CA ASN A 70 -6.51 -18.53 9.53
C ASN A 70 -5.85 -19.71 10.25
N SER A 71 -5.03 -20.49 9.54
CA SER A 71 -4.43 -21.69 10.08
C SER A 71 -2.92 -21.57 10.00
N TYR A 72 -2.22 -21.85 11.12
CA TYR A 72 -0.78 -21.72 11.13
C TYR A 72 -0.10 -22.73 10.22
N GLU A 73 -0.76 -23.83 9.90
CA GLU A 73 -0.15 -24.86 9.06
C GLU A 73 0.29 -24.32 7.71
N ASP A 74 -0.28 -23.21 7.25
CA ASP A 74 0.06 -22.67 5.95
C ASP A 74 1.40 -21.96 5.93
N ILE A 75 2.06 -21.82 7.09
CA ILE A 75 3.35 -21.13 7.11
C ILE A 75 4.52 -22.07 6.93
N LYS A 76 4.28 -23.38 6.80
CA LYS A 76 5.39 -24.32 6.70
C LYS A 76 6.33 -23.93 5.57
N GLY A 77 7.63 -24.02 5.84
CA GLY A 77 8.63 -23.72 4.85
C GLY A 77 8.83 -22.25 4.55
N SER A 78 8.31 -21.35 5.37
CA SER A 78 8.50 -19.93 5.12
C SER A 78 9.98 -19.58 5.15
N ASP A 79 10.41 -18.76 4.20
CA ASP A 79 11.77 -18.24 4.27
C ASP A 79 11.85 -17.02 5.18
N VAL A 80 10.78 -16.22 5.24
CA VAL A 80 10.74 -15.05 6.11
C VAL A 80 9.36 -14.96 6.74
N VAL A 81 9.35 -14.65 8.05
CA VAL A 81 8.13 -14.44 8.80
C VAL A 81 8.21 -13.06 9.46
N ILE A 82 7.19 -12.24 9.27
CA ILE A 82 7.12 -10.90 9.86
C ILE A 82 5.85 -10.82 10.69
N ILE A 83 6.00 -10.46 11.97
CA ILE A 83 4.96 -10.62 12.98
C ILE A 83 4.47 -9.25 13.43
N THR A 84 3.19 -8.98 13.20
CA THR A 84 2.52 -7.83 13.78
C THR A 84 1.37 -8.20 14.70
N ALA A 85 1.11 -9.50 14.91
CA ALA A 85 -0.04 -9.93 15.70
C ALA A 85 0.09 -9.45 17.14
N GLY A 86 -0.99 -8.90 17.66
CA GLY A 86 -1.00 -8.39 19.02
C GLY A 86 -1.95 -7.21 19.14
N LEU A 87 -1.92 -6.59 20.31
CA LEU A 87 -2.72 -5.41 20.65
C LEU A 87 -1.82 -4.18 20.74
N THR A 88 -2.35 -3.04 20.34
CA THR A 88 -1.64 -1.76 20.50
C THR A 88 -2.44 -0.83 21.41
N ASP A 102 -2.90 -4.11 30.71
CA ASP A 102 -2.50 -5.52 30.79
C ASP A 102 -2.13 -6.06 29.39
N LEU A 103 -1.57 -5.18 28.55
CA LEU A 103 -1.21 -5.56 27.19
C LEU A 103 -0.02 -6.52 27.15
N LEU A 104 0.94 -6.34 28.04
CA LEU A 104 2.16 -7.15 28.00
C LEU A 104 1.90 -8.64 28.18
N PRO A 105 1.23 -9.10 29.24
CA PRO A 105 0.98 -10.56 29.36
C PRO A 105 0.13 -11.12 28.23
N ILE A 106 -0.74 -10.31 27.62
CA ILE A 106 -1.51 -10.77 26.48
C ILE A 106 -0.59 -11.01 25.29
N ASN A 107 0.11 -9.97 24.87
CA ASN A 107 1.04 -10.13 23.76
C ASN A 107 2.06 -11.21 24.04
N ALA A 108 2.49 -11.36 25.30
CA ALA A 108 3.48 -12.39 25.60
C ALA A 108 2.89 -13.77 25.33
N LYS A 109 1.63 -13.96 25.70
CA LYS A 109 0.92 -15.19 25.38
C LYS A 109 0.86 -15.41 23.87
N ILE A 110 0.49 -14.39 23.10
CA ILE A 110 0.36 -14.55 21.66
C ILE A 110 1.71 -14.86 21.04
N MET A 111 2.73 -14.07 21.40
CA MET A 111 4.06 -14.29 20.86
C MET A 111 4.60 -15.66 21.22
N LYS A 112 4.26 -16.16 22.41
CA LYS A 112 4.63 -17.53 22.74
C LYS A 112 3.97 -18.51 21.78
N GLU A 113 2.70 -18.28 21.45
CA GLU A 113 1.98 -19.17 20.54
C GLU A 113 2.55 -19.06 19.14
N VAL A 114 2.81 -17.84 18.68
CA VAL A 114 3.46 -17.67 17.38
C VAL A 114 4.80 -18.39 17.35
N GLY A 115 5.63 -18.18 18.38
CA GLY A 115 6.95 -18.80 18.39
C GLY A 115 6.90 -20.30 18.29
N GLU A 116 5.98 -20.92 19.02
CA GLU A 116 5.85 -22.37 18.99
C GLU A 116 5.48 -22.84 17.59
N ASN A 117 4.43 -22.25 17.01
CA ASN A 117 3.99 -22.62 15.67
C ASN A 117 5.12 -22.47 14.66
N ILE A 118 5.96 -21.45 14.83
CA ILE A 118 7.10 -21.29 13.94
C ILE A 118 8.05 -22.48 14.10
N LYS A 119 8.35 -22.84 15.35
CA LYS A 119 9.30 -23.92 15.58
C LYS A 119 8.83 -25.22 14.96
N LYS A 120 7.51 -25.45 14.96
CA LYS A 120 6.98 -26.68 14.39
C LYS A 120 6.97 -26.63 12.86
N TYR A 121 6.52 -25.51 12.29
CA TYR A 121 6.19 -25.48 10.88
C TYR A 121 7.30 -24.94 10.00
N CYS A 122 8.05 -23.93 10.43
CA CYS A 122 9.07 -23.30 9.59
C CYS A 122 10.24 -22.84 10.44
N PRO A 123 11.00 -23.78 10.99
CA PRO A 123 12.10 -23.43 11.91
C PRO A 123 13.33 -22.85 11.24
N ASN A 124 13.45 -22.95 9.92
CA ASN A 124 14.59 -22.39 9.20
C ASN A 124 14.30 -20.99 8.67
N ALA A 125 13.19 -20.38 9.11
CA ALA A 125 12.79 -19.07 8.65
C ALA A 125 13.62 -17.98 9.32
N PHE A 126 13.70 -16.85 8.64
CA PHE A 126 14.20 -15.60 9.21
C PHE A 126 13.00 -14.83 9.75
N VAL A 127 13.08 -14.38 10.99
CA VAL A 127 11.89 -13.95 11.71
C VAL A 127 12.06 -12.50 12.14
N ILE A 128 11.09 -11.67 11.77
CA ILE A 128 11.13 -10.23 12.03
C ILE A 128 9.90 -9.86 12.86
N CYS A 129 10.15 -9.45 14.09
CA CYS A 129 9.08 -9.09 15.02
C CYS A 129 8.79 -7.60 14.94
N ILE A 130 7.52 -7.24 15.12
CA ILE A 130 7.13 -5.83 15.13
C ILE A 130 6.22 -5.52 16.32
N THR A 131 5.59 -6.55 16.89
CA THR A 131 4.66 -6.33 17.99
C THR A 131 5.36 -5.65 19.17
N ASN A 132 4.67 -4.70 19.79
CA ASN A 132 5.19 -3.89 20.87
C ASN A 132 4.84 -4.51 22.22
N PRO A 133 5.64 -4.25 23.27
CA PRO A 133 6.94 -3.56 23.32
C PRO A 133 7.99 -4.35 22.55
N LEU A 134 8.48 -3.78 21.46
CA LEU A 134 9.21 -4.55 20.46
C LEU A 134 10.32 -5.38 21.08
N ASP A 135 11.32 -4.73 21.68
CA ASP A 135 12.50 -5.44 22.12
C ASP A 135 12.15 -6.53 23.13
N VAL A 136 11.15 -6.30 23.98
CA VAL A 136 10.73 -7.32 24.93
C VAL A 136 10.11 -8.51 24.19
N MET A 137 9.17 -8.23 23.28
CA MET A 137 8.46 -9.31 22.59
C MET A 137 9.40 -10.09 21.67
N VAL A 138 10.48 -9.48 21.19
CA VAL A 138 11.44 -10.20 20.35
C VAL A 138 12.05 -11.37 21.12
N LYS A 139 12.44 -11.14 22.37
CA LYS A 139 13.13 -12.21 23.09
C LYS A 139 12.16 -13.33 23.46
N VAL A 140 10.93 -12.99 23.82
CA VAL A 140 9.92 -14.00 24.10
C VAL A 140 9.72 -14.88 22.87
N LEU A 141 9.61 -14.25 21.70
CA LEU A 141 9.47 -15.00 20.47
C LEU A 141 10.63 -15.97 20.28
N GLN A 142 11.86 -15.47 20.40
CA GLN A 142 13.02 -16.34 20.23
C GLN A 142 12.98 -17.49 21.22
N GLU A 143 12.67 -17.18 22.49
CA GLU A 143 12.64 -18.20 23.52
C GLU A 143 11.61 -19.28 23.21
N ALA A 144 10.40 -18.85 22.83
CA ALA A 144 9.37 -19.83 22.49
C ALA A 144 9.68 -20.54 21.18
N SER A 145 10.48 -19.91 20.31
CA SER A 145 10.74 -20.46 18.98
C SER A 145 11.92 -21.42 18.99
N GLY A 146 12.98 -21.06 19.72
CA GLY A 146 14.17 -21.86 19.79
C GLY A 146 15.14 -21.70 18.65
N LEU A 147 14.78 -20.94 17.62
CA LEU A 147 15.66 -20.74 16.48
C LEU A 147 16.93 -20.00 16.89
N PRO A 148 17.95 -20.03 16.04
CA PRO A 148 19.18 -19.28 16.35
C PRO A 148 18.87 -17.82 16.64
N HIS A 149 19.57 -17.26 17.62
CA HIS A 149 19.42 -15.83 17.89
C HIS A 149 19.77 -14.98 16.68
N ASN A 150 20.50 -15.57 15.73
CA ASN A 150 20.94 -14.87 14.53
C ASN A 150 19.81 -14.66 13.52
N LYS A 151 18.80 -15.52 13.53
CA LYS A 151 17.72 -15.43 12.55
C LYS A 151 16.40 -15.04 13.18
N VAL A 152 16.44 -14.38 14.33
CA VAL A 152 15.29 -13.74 14.94
C VAL A 152 15.68 -12.32 15.29
N CYS A 153 14.86 -11.35 14.88
CA CYS A 153 15.17 -9.95 15.14
C CYS A 153 13.87 -9.15 15.10
N GLY A 154 13.96 -7.91 15.52
CA GLY A 154 12.81 -7.03 15.56
C GLY A 154 13.08 -5.76 14.80
N MET A 155 12.05 -5.26 14.11
CA MET A 155 12.15 -3.99 13.40
C MET A 155 11.76 -2.86 14.33
N ALA A 156 12.61 -1.84 14.42
CA ALA A 156 12.28 -0.60 15.10
C ALA A 156 13.24 0.48 14.64
N GLY A 157 14.54 0.21 14.79
CA GLY A 157 15.54 1.19 14.43
C GLY A 157 15.43 1.68 12.99
N VAL A 158 15.17 0.77 12.05
CA VAL A 158 14.98 1.20 10.66
C VAL A 158 13.86 2.24 10.58
N LEU A 159 12.79 2.01 11.33
CA LEU A 159 11.67 2.96 11.34
C LEU A 159 12.06 4.26 12.02
N ASP A 160 12.62 4.18 13.23
CA ASP A 160 13.04 5.39 13.91
C ASP A 160 14.13 6.11 13.12
N SER A 161 14.97 5.37 12.40
CA SER A 161 16.00 5.99 11.59
C SER A 161 15.40 6.68 10.38
N SER A 162 14.40 6.06 9.75
CA SER A 162 13.79 6.66 8.57
C SER A 162 13.11 7.99 8.89
N ARG A 163 12.64 8.14 10.12
CA ARG A 163 12.04 9.40 10.57
C ARG A 163 13.12 10.44 10.88
N PHE A 164 14.13 10.04 11.67
CA PHE A 164 15.29 10.89 11.90
C PHE A 164 15.89 11.34 10.57
N ARG A 165 16.13 10.39 9.66
CA ARG A 165 16.65 10.73 8.35
C ARG A 165 15.72 11.71 7.62
N TYR A 166 14.42 11.43 7.62
CA TYR A 166 13.51 12.28 6.86
C TYR A 166 13.52 13.70 7.41
N PHE A 167 13.35 13.85 8.73
CA PHE A 167 13.29 15.19 9.32
C PHE A 167 14.55 15.97 8.99
N ILE A 168 15.72 15.34 9.15
CA ILE A 168 16.97 16.00 8.78
C ILE A 168 16.97 16.38 7.31
N ALA A 169 16.53 15.45 6.46
CA ALA A 169 16.59 15.68 5.01
C ALA A 169 15.68 16.84 4.60
N GLU A 170 14.52 16.96 5.25
CA GLU A 170 13.60 18.05 4.94
C GLU A 170 14.24 19.41 5.24
N LYS A 171 14.84 19.57 6.42
CA LYS A 171 15.41 20.86 6.78
C LYS A 171 16.59 21.22 5.87
N LEU A 172 17.43 20.25 5.55
CA LEU A 172 18.54 20.52 4.63
C LEU A 172 18.10 20.56 3.17
N ASN A 173 16.93 20.00 2.83
CA ASN A 173 16.45 19.99 1.45
C ASN A 173 17.39 19.18 0.55
N VAL A 174 17.79 18.00 1.02
CA VAL A 174 18.50 17.00 0.24
C VAL A 174 17.67 15.72 0.30
N SER A 175 17.95 14.83 -0.64
CA SER A 175 17.26 13.55 -0.67
C SER A 175 17.53 12.77 0.63
N PRO A 176 16.54 12.09 1.19
CA PRO A 176 16.82 11.24 2.36
C PRO A 176 17.86 10.16 2.06
N ARG A 177 17.96 9.72 0.80
CA ARG A 177 18.98 8.74 0.44
C ARG A 177 20.35 9.20 0.91
N ASP A 178 20.61 10.49 0.85
CA ASP A 178 21.92 11.02 1.16
C ASP A 178 22.06 11.47 2.61
N VAL A 179 21.10 11.11 3.44
CA VAL A 179 21.17 11.39 4.87
C VAL A 179 21.36 10.06 5.59
N GLN A 180 22.46 9.93 6.32
CA GLN A 180 22.70 8.81 7.20
C GLN A 180 22.39 9.25 8.63
N ALA A 181 21.50 8.52 9.29
CA ALA A 181 21.13 8.80 10.67
C ALA A 181 20.74 7.48 11.31
N MET A 182 20.86 7.39 12.62
CA MET A 182 20.59 6.13 13.30
C MET A 182 19.93 6.37 14.64
N VAL A 183 19.14 5.38 15.06
CA VAL A 183 18.49 5.37 16.35
C VAL A 183 18.76 4.00 16.97
N ILE A 184 19.35 4.00 18.16
CA ILE A 184 19.67 2.76 18.86
C ILE A 184 18.91 2.73 20.18
N GLY A 185 18.98 1.58 20.84
CA GLY A 185 18.31 1.40 22.10
C GLY A 185 16.98 0.68 21.95
N ALA A 186 16.00 1.07 22.75
CA ALA A 186 14.70 0.44 22.73
C ALA A 186 13.73 1.25 21.88
N HIS A 187 12.77 0.54 21.27
CA HIS A 187 11.68 1.22 20.58
C HIS A 187 10.76 1.85 21.61
N GLY A 188 10.76 3.17 21.70
CA GLY A 188 9.90 3.85 22.66
C GLY A 188 10.33 5.29 22.83
N ASP A 189 9.71 5.95 23.82
CA ASP A 189 9.97 7.38 23.98
C ASP A 189 11.40 7.66 24.41
N ASN A 190 12.11 6.64 24.90
CA ASN A 190 13.52 6.75 25.30
C ASN A 190 14.45 6.09 24.29
N MET A 191 14.00 5.90 23.06
CA MET A 191 14.88 5.55 21.96
C MET A 191 16.03 6.54 21.96
N VAL A 192 17.15 6.20 21.33
CA VAL A 192 18.32 7.05 21.40
C VAL A 192 18.75 7.49 20.00
N PRO A 193 18.20 8.58 19.46
CA PRO A 193 18.77 9.14 18.22
C PRO A 193 20.20 9.59 18.46
N LEU A 194 21.05 9.44 17.44
CA LEU A 194 22.46 9.78 17.57
C LEU A 194 22.82 10.91 16.61
N PRO A 195 22.56 12.16 17.00
CA PRO A 195 22.91 13.28 16.12
C PRO A 195 24.38 13.29 15.76
N ARG A 196 25.24 12.76 16.63
CA ARG A 196 26.67 12.85 16.39
C ARG A 196 27.08 12.07 15.15
N TYR A 197 26.41 10.96 14.88
CA TYR A 197 26.75 10.10 13.76
C TYR A 197 25.98 10.45 12.50
N VAL A 198 25.15 11.48 12.53
CA VAL A 198 24.44 11.88 11.32
C VAL A 198 25.41 12.46 10.31
N THR A 199 25.23 12.08 9.06
CA THR A 199 26.10 12.51 7.98
C THR A 199 25.27 12.80 6.74
N VAL A 200 25.81 13.66 5.89
CA VAL A 200 25.29 13.90 4.55
C VAL A 200 26.32 13.34 3.58
N ASN A 201 25.99 12.20 2.98
CA ASN A 201 26.92 11.44 2.15
C ASN A 201 28.28 11.32 2.83
N GLY A 202 28.25 11.08 4.14
CA GLY A 202 29.46 10.90 4.92
C GLY A 202 30.04 12.18 5.48
N ILE A 203 29.48 13.33 5.13
CA ILE A 203 29.95 14.60 5.71
C ILE A 203 29.30 14.79 7.08
N PRO A 204 30.06 15.08 8.13
CA PRO A 204 29.44 15.30 9.44
C PRO A 204 28.39 16.41 9.38
N LEU A 205 27.25 16.14 10.01
CA LEU A 205 26.20 17.17 10.09
C LEU A 205 26.70 18.43 10.76
N GLN A 206 27.69 18.32 11.65
CA GLN A 206 28.28 19.49 12.27
C GLN A 206 28.75 20.49 11.22
N GLU A 207 29.24 20.00 10.08
CA GLU A 207 29.74 20.89 9.04
C GLU A 207 28.63 21.79 8.51
N PHE A 208 27.40 21.26 8.43
CA PHE A 208 26.29 22.06 7.93
C PHE A 208 25.76 23.03 8.97
N ILE A 209 26.04 22.82 10.25
CA ILE A 209 25.80 23.89 11.23
C ILE A 209 26.69 25.07 10.93
N LYS A 210 27.99 24.81 10.76
CA LYS A 210 28.96 25.88 10.52
C LYS A 210 28.64 26.67 9.27
N LYS A 211 28.01 26.04 8.28
CA LYS A 211 27.69 26.68 7.01
C LYS A 211 26.29 27.28 7.00
N GLY A 212 25.51 27.10 8.07
CA GLY A 212 24.22 27.74 8.18
C GLY A 212 23.05 27.00 7.56
N TRP A 213 23.21 25.72 7.25
CA TRP A 213 22.10 24.97 6.69
C TRP A 213 21.10 24.57 7.78
N ILE A 214 21.60 24.33 9.00
CA ILE A 214 20.79 23.87 10.10
C ILE A 214 21.46 24.33 11.39
N THR A 215 20.65 24.63 12.40
CA THR A 215 21.14 25.07 13.69
C THR A 215 21.13 23.92 14.70
N GLN A 216 21.93 24.09 15.75
CA GLN A 216 21.97 23.08 16.80
C GLN A 216 20.61 22.91 17.47
N GLU A 217 19.84 24.00 17.58
CA GLU A 217 18.54 23.89 18.22
C GLU A 217 17.57 23.05 17.40
N GLU A 218 17.62 23.20 16.07
CA GLU A 218 16.74 22.42 15.21
C GLU A 218 17.09 20.93 15.26
N ILE A 219 18.37 20.60 15.41
CA ILE A 219 18.76 19.20 15.56
C ILE A 219 18.20 18.64 16.87
N ASP A 220 18.40 19.37 17.97
CA ASP A 220 17.80 18.99 19.24
C ASP A 220 16.30 18.74 19.08
N GLU A 221 15.59 19.62 18.39
CA GLU A 221 14.16 19.45 18.20
C GLU A 221 13.85 18.21 17.36
N ILE A 222 14.60 18.00 16.27
CA ILE A 222 14.35 16.83 15.44
C ILE A 222 14.60 15.55 16.23
N VAL A 223 15.65 15.53 17.05
CA VAL A 223 15.93 14.37 17.90
C VAL A 223 14.74 14.04 18.78
N GLU A 224 14.13 15.05 19.38
CA GLU A 224 12.97 14.77 20.22
C GLU A 224 11.76 14.43 19.38
N ARG A 225 11.58 15.12 18.25
CA ARG A 225 10.49 14.77 17.35
C ARG A 225 10.61 13.33 16.85
N THR A 226 11.84 12.88 16.59
CA THR A 226 12.03 11.48 16.25
C THR A 226 11.56 10.58 17.38
N ARG A 227 11.83 10.96 18.62
CA ARG A 227 11.44 10.15 19.77
C ARG A 227 9.94 9.98 19.86
N ASN A 228 9.19 11.02 19.53
CA ASN A 228 7.73 11.03 19.70
C ASN A 228 7.00 10.85 18.39
N ALA A 229 7.69 10.48 17.31
CA ALA A 229 7.08 10.53 15.99
C ALA A 229 5.88 9.61 15.90
N GLY A 230 5.97 8.42 16.49
CA GLY A 230 4.82 7.51 16.47
C GLY A 230 3.59 8.14 17.09
N GLY A 231 3.77 8.73 18.29
CA GLY A 231 2.66 9.42 18.94
C GLY A 231 2.12 10.57 18.12
N GLU A 232 3.01 11.34 17.48
CA GLU A 232 2.58 12.42 16.60
C GLU A 232 1.66 11.90 15.50
N ILE A 233 2.06 10.82 14.84
CA ILE A 233 1.20 10.25 13.81
C ILE A 233 -0.11 9.77 14.42
N VAL A 234 -0.02 9.00 15.50
CA VAL A 234 -1.22 8.52 16.20
C VAL A 234 -2.18 9.65 16.51
N ASN A 235 -1.65 10.79 16.96
CA ASN A 235 -2.54 11.91 17.29
C ASN A 235 -3.19 12.48 16.04
N LEU A 236 -2.45 12.50 14.94
CA LEU A 236 -3.03 13.05 13.72
C LEU A 236 -3.99 12.06 13.07
N LEU A 237 -3.61 10.78 13.00
CA LEU A 237 -4.49 9.80 12.37
C LEU A 237 -5.82 9.68 13.08
N GLY A 238 -5.84 9.89 14.39
CA GLY A 238 -7.06 9.82 15.17
C GLY A 238 -7.48 8.42 15.51
N THR A 239 -7.32 7.50 14.56
CA THR A 239 -7.69 6.10 14.76
C THR A 239 -6.61 5.25 14.09
N GLY A 240 -5.71 4.71 14.89
CA GLY A 240 -4.63 3.87 14.41
C GLY A 240 -3.29 4.56 14.47
N SER A 241 -2.25 3.77 14.23
CA SER A 241 -0.86 4.22 14.25
C SER A 241 -0.27 4.16 12.84
N ALA A 242 0.99 4.54 12.72
CA ALA A 242 1.61 4.58 11.40
C ALA A 242 1.75 3.16 10.86
N TYR A 243 1.86 3.06 9.54
CA TYR A 243 2.03 1.74 8.96
C TYR A 243 2.73 1.72 7.61
N PHE A 244 2.69 2.76 6.79
CA PHE A 244 3.42 2.77 5.54
C PHE A 244 4.90 2.57 5.81
N ALA A 245 5.45 3.36 6.71
CA ALA A 245 6.88 3.32 6.99
C ALA A 245 7.23 2.13 7.87
N PRO A 246 6.44 1.81 8.90
CA PRO A 246 6.67 0.54 9.60
C PRO A 246 6.80 -0.62 8.64
N ALA A 247 5.87 -0.73 7.70
CA ALA A 247 5.90 -1.83 6.73
C ALA A 247 7.13 -1.76 5.84
N ALA A 248 7.40 -0.59 5.25
CA ALA A 248 8.56 -0.50 4.37
C ALA A 248 9.83 -0.86 5.12
N SER A 249 9.88 -0.55 6.41
CA SER A 249 11.07 -0.85 7.20
C SER A 249 11.25 -2.36 7.34
N ALA A 250 10.18 -3.07 7.72
CA ALA A 250 10.29 -4.51 7.89
C ALA A 250 10.60 -5.18 6.58
N ILE A 251 10.08 -4.64 5.48
CA ILE A 251 10.32 -5.24 4.17
C ILE A 251 11.74 -4.98 3.71
N ALA A 252 12.31 -3.81 4.00
CA ALA A 252 13.72 -3.62 3.67
C ALA A 252 14.58 -4.64 4.42
N MET A 253 14.28 -4.88 5.70
CA MET A 253 15.01 -5.93 6.41
C MET A 253 14.81 -7.28 5.73
N ALA A 254 13.57 -7.59 5.32
CA ALA A 254 13.30 -8.87 4.66
C ALA A 254 13.99 -8.94 3.31
N GLU A 255 13.97 -7.85 2.55
CA GLU A 255 14.69 -7.80 1.29
C GLU A 255 16.18 -8.02 1.51
N ALA A 256 16.74 -7.42 2.56
CA ALA A 256 18.17 -7.57 2.78
C ALA A 256 18.53 -9.01 3.10
N TYR A 257 17.62 -9.76 3.71
CA TYR A 257 17.91 -11.17 4.00
C TYR A 257 17.78 -12.03 2.74
N LEU A 258 16.68 -11.83 2.01
CA LEU A 258 16.35 -12.73 0.92
C LEU A 258 17.29 -12.56 -0.27
N LYS A 259 17.83 -11.36 -0.46
CA LYS A 259 18.74 -11.08 -1.58
C LYS A 259 20.17 -10.90 -1.09
N ASP A 260 20.45 -11.28 0.16
CA ASP A 260 21.80 -11.21 0.71
C ASP A 260 22.45 -9.87 0.39
N GLN A 261 21.78 -8.80 0.79
CA GLN A 261 22.24 -7.46 0.41
C GLN A 261 23.27 -6.88 1.39
N LYS A 262 23.42 -7.45 2.58
CA LYS A 262 24.46 -7.05 3.53
C LYS A 262 24.33 -5.58 3.91
N ARG A 263 23.10 -5.19 4.20
CA ARG A 263 22.76 -3.80 4.48
C ARG A 263 23.03 -3.49 5.95
N VAL A 264 23.49 -2.27 6.20
CA VAL A 264 23.73 -1.80 7.56
C VAL A 264 22.44 -1.17 8.05
N LEU A 265 21.83 -1.78 9.07
CA LEU A 265 20.59 -1.29 9.58
C LEU A 265 20.42 -1.44 11.08
N PRO A 266 19.86 -0.41 11.75
CA PRO A 266 19.54 -0.56 13.18
C PRO A 266 18.34 -1.47 13.36
N CYS A 267 18.56 -2.59 14.03
CA CYS A 267 17.50 -3.53 14.32
C CYS A 267 17.65 -4.02 15.74
N SER A 268 16.56 -4.54 16.29
CA SER A 268 16.59 -5.14 17.62
C SER A 268 17.17 -6.55 17.50
N CYS A 269 18.37 -6.76 18.04
CA CYS A 269 19.08 -8.02 17.83
C CYS A 269 19.73 -8.52 19.12
N TYR A 270 19.92 -9.84 19.15
CA TYR A 270 20.46 -10.52 20.32
C TYR A 270 21.91 -10.11 20.56
N LEU A 271 22.18 -9.65 21.77
CA LEU A 271 23.51 -9.22 22.17
C LEU A 271 24.08 -10.18 23.20
N GLU A 272 25.38 -10.41 23.12
CA GLU A 272 26.09 -11.35 23.98
C GLU A 272 27.34 -10.70 24.55
N GLY A 273 27.27 -9.40 24.80
CA GLY A 273 28.38 -8.68 25.38
C GLY A 273 28.60 -7.32 24.76
N GLN A 274 28.26 -7.17 23.49
CA GLN A 274 28.40 -5.88 22.83
C GLN A 274 27.52 -4.86 23.54
N TYR A 275 28.05 -3.63 23.67
CA TYR A 275 27.39 -2.52 24.32
C TYR A 275 27.10 -2.78 25.80
N GLY A 276 27.71 -3.83 26.37
CA GLY A 276 27.48 -4.15 27.77
C GLY A 276 26.14 -4.79 28.07
N VAL A 277 25.59 -5.57 27.14
CA VAL A 277 24.30 -6.23 27.30
C VAL A 277 24.44 -7.70 26.96
N LYS A 278 23.84 -8.58 27.77
CA LYS A 278 23.89 -10.02 27.53
C LYS A 278 22.50 -10.61 27.63
N ASP A 279 22.17 -11.51 26.71
CA ASP A 279 20.89 -12.23 26.73
C ASP A 279 19.71 -11.28 26.56
N LEU A 280 19.88 -10.28 25.69
CA LEU A 280 18.80 -9.32 25.45
C LEU A 280 18.79 -8.93 23.98
N TYR A 281 17.59 -8.67 23.48
CA TYR A 281 17.40 -8.03 22.19
C TYR A 281 17.29 -6.53 22.41
N VAL A 282 18.15 -5.77 21.74
CA VAL A 282 18.22 -4.32 21.83
C VAL A 282 18.52 -3.76 20.46
N GLY A 283 18.08 -2.52 20.23
CA GLY A 283 18.31 -1.84 18.97
C GLY A 283 19.73 -1.36 18.81
N VAL A 284 20.43 -1.94 17.82
CA VAL A 284 21.80 -1.56 17.49
C VAL A 284 22.01 -1.77 16.00
N PRO A 285 23.07 -1.17 15.45
CA PRO A 285 23.36 -1.38 14.03
C PRO A 285 23.88 -2.79 13.77
N VAL A 286 23.32 -3.42 12.73
CA VAL A 286 23.72 -4.77 12.32
C VAL A 286 23.89 -4.79 10.81
N VAL A 287 24.47 -5.88 10.31
CA VAL A 287 24.53 -6.19 8.90
C VAL A 287 23.57 -7.35 8.69
N ILE A 288 22.50 -7.09 7.95
CA ILE A 288 21.55 -8.13 7.59
C ILE A 288 21.99 -8.71 6.24
N GLY A 289 22.17 -10.03 6.21
CA GLY A 289 22.46 -10.74 4.97
C GLY A 289 21.68 -12.02 4.83
N GLY A 290 22.08 -12.86 3.88
CA GLY A 290 21.37 -14.10 3.63
C GLY A 290 21.41 -15.08 4.78
N ASN A 291 22.31 -14.90 5.74
CA ASN A 291 22.35 -15.76 6.92
C ASN A 291 21.69 -15.12 8.12
N GLY A 292 21.04 -13.98 7.96
CA GLY A 292 20.44 -13.28 9.09
C GLY A 292 21.22 -12.08 9.57
N VAL A 293 21.28 -11.91 10.89
CA VAL A 293 21.96 -10.76 11.47
C VAL A 293 23.45 -11.01 11.52
N GLU A 294 24.13 -10.90 10.38
CA GLU A 294 25.45 -11.52 10.27
C GLU A 294 26.48 -10.83 11.14
N LYS A 295 26.35 -9.52 11.35
CA LYS A 295 27.37 -8.81 12.09
C LYS A 295 26.71 -7.74 12.95
N VAL A 296 27.05 -7.71 14.23
CA VAL A 296 26.69 -6.61 15.11
C VAL A 296 27.81 -5.58 15.05
N ILE A 297 27.45 -4.32 14.83
CA ILE A 297 28.41 -3.23 14.77
C ILE A 297 28.44 -2.55 16.13
N GLU A 298 29.65 -2.32 16.66
CA GLU A 298 29.82 -1.79 18.01
C GLU A 298 30.27 -0.35 17.89
N LEU A 299 29.30 0.57 18.01
CA LEU A 299 29.63 1.97 17.87
C LEU A 299 30.50 2.45 19.01
N GLU A 300 31.35 3.40 18.66
CA GLU A 300 32.14 4.12 19.64
C GLU A 300 31.33 5.11 20.40
N LEU A 301 30.41 4.68 21.22
CA LEU A 301 29.58 5.66 21.91
C LEU A 301 30.42 6.45 22.91
N THR A 302 30.09 7.72 23.07
CA THR A 302 30.65 8.50 24.14
C THR A 302 30.03 8.05 25.46
N PRO A 303 30.62 8.45 26.58
CA PRO A 303 29.98 8.16 27.86
C PRO A 303 28.52 8.59 27.90
N GLU A 304 28.23 9.82 27.43
CA GLU A 304 26.85 10.30 27.46
C GLU A 304 25.93 9.42 26.63
N GLU A 305 26.43 8.92 25.49
CA GLU A 305 25.60 8.08 24.64
C GLU A 305 25.40 6.69 25.24
N LYS A 306 26.46 6.11 25.80
CA LYS A 306 26.31 4.84 26.50
C LYS A 306 25.23 4.95 27.58
N GLU A 307 25.22 6.05 28.34
CA GLU A 307 24.27 6.19 29.43
C GLU A 307 22.82 6.20 28.94
N MET A 308 22.52 7.05 27.95
CA MET A 308 21.17 7.06 27.40
C MET A 308 20.79 5.67 26.89
N PHE A 309 21.73 4.99 26.25
CA PHE A 309 21.50 3.61 25.82
C PHE A 309 21.16 2.72 27.02
N ASP A 310 21.92 2.86 28.11
CA ASP A 310 21.68 2.00 29.27
C ASP A 310 20.34 2.31 29.92
N LYS A 311 19.93 3.59 29.92
CA LYS A 311 18.64 3.94 30.50
C LYS A 311 17.49 3.48 29.62
N SER A 312 17.67 3.52 28.31
CA SER A 312 16.60 3.13 27.40
C SER A 312 16.29 1.64 27.53
N ILE A 313 17.33 0.81 27.74
CA ILE A 313 17.12 -0.63 27.81
C ILE A 313 16.83 -1.11 29.22
N GLU A 314 16.89 -0.23 30.22
CA GLU A 314 16.49 -0.60 31.58
C GLU A 314 15.11 -1.24 31.57
N GLU A 315 14.11 -0.54 31.03
CA GLU A 315 12.75 -1.07 30.98
C GLU A 315 12.74 -2.45 30.35
N VAL A 316 13.53 -2.65 29.30
CA VAL A 316 13.54 -3.93 28.59
C VAL A 316 14.09 -5.03 29.49
N ARG A 317 15.24 -4.78 30.11
CA ARG A 317 15.80 -5.75 31.05
C ARG A 317 14.76 -6.20 32.05
N GLU A 318 14.06 -5.24 32.68
CA GLU A 318 13.19 -5.59 33.80
C GLU A 318 11.99 -6.40 33.33
N LEU A 319 11.40 -6.01 32.19
CA LEU A 319 10.21 -6.68 31.69
C LEU A 319 10.54 -8.07 31.19
N VAL A 320 11.71 -8.22 30.57
CA VAL A 320 12.17 -9.55 30.19
C VAL A 320 12.30 -10.42 31.43
N LYS A 321 12.83 -9.85 32.52
CA LYS A 321 12.98 -10.63 33.75
C LYS A 321 11.63 -10.90 34.40
N ALA A 322 10.71 -9.93 34.36
CA ALA A 322 9.39 -10.14 34.94
C ALA A 322 8.64 -11.24 34.20
N LEU A 323 8.65 -11.21 32.87
CA LEU A 323 7.91 -12.21 32.11
C LEU A 323 8.53 -13.60 32.27
N GLU A 324 9.85 -13.68 32.37
CA GLU A 324 10.47 -14.96 32.70
C GLU A 324 9.87 -15.54 33.98
N ALA A 325 9.77 -14.72 35.02
CA ALA A 325 9.26 -15.19 36.30
C ALA A 325 7.86 -15.77 36.18
N LEU A 326 7.04 -15.21 35.28
CA LEU A 326 5.65 -15.59 35.13
C LEU A 326 5.43 -16.77 34.16
N ASP A 327 6.48 -17.52 33.83
CA ASP A 327 6.33 -18.77 33.07
C ASP A 327 6.80 -19.99 33.88
N ASN B 7 12.00 24.52 -13.42
CA ASN B 7 11.31 23.25 -13.60
C ASN B 7 10.56 22.78 -12.35
N LYS B 8 9.60 21.88 -12.55
CA LYS B 8 8.75 21.40 -11.47
C LYS B 8 8.50 19.90 -11.64
N ARG B 9 8.38 19.20 -10.51
CA ARG B 9 7.97 17.82 -10.49
C ARG B 9 6.48 17.74 -10.85
N PRO B 10 6.02 16.60 -11.36
CA PRO B 10 4.57 16.43 -11.57
C PRO B 10 3.87 16.48 -10.23
N LYS B 11 2.68 17.08 -10.21
CA LYS B 11 1.87 17.22 -9.01
C LYS B 11 0.65 16.33 -9.12
N ILE B 12 0.49 15.43 -8.17
CA ILE B 12 -0.62 14.49 -8.12
C ILE B 12 -1.40 14.76 -6.84
N SER B 13 -2.67 15.14 -6.98
CA SER B 13 -3.56 15.38 -5.86
C SER B 13 -4.59 14.26 -5.75
N LEU B 14 -4.75 13.73 -4.54
CA LEU B 14 -5.68 12.64 -4.26
C LEU B 14 -6.80 13.23 -3.40
N ILE B 15 -8.00 13.32 -3.97
CA ILE B 15 -9.15 13.89 -3.29
C ILE B 15 -9.85 12.76 -2.55
N GLY B 16 -9.66 12.72 -1.23
CA GLY B 16 -10.08 11.58 -0.46
C GLY B 16 -8.87 10.77 -0.04
N SER B 17 -8.64 10.69 1.27
CA SER B 17 -7.44 10.06 1.82
C SER B 17 -7.76 8.78 2.57
N GLY B 18 -8.88 8.12 2.23
CA GLY B 18 -9.19 6.80 2.73
C GLY B 18 -8.15 5.75 2.37
N MET B 19 -8.53 4.46 2.46
CA MET B 19 -7.57 3.38 2.26
C MET B 19 -7.06 3.34 0.83
N ILE B 20 -7.94 3.65 -0.11
CA ILE B 20 -7.54 3.71 -1.51
C ILE B 20 -6.61 4.89 -1.73
N GLY B 21 -7.02 6.08 -1.26
CA GLY B 21 -6.21 7.26 -1.46
C GLY B 21 -4.83 7.09 -0.87
N GLY B 22 -4.75 6.57 0.34
CA GLY B 22 -3.45 6.36 0.94
C GLY B 22 -2.63 5.36 0.16
N THR B 23 -3.30 4.35 -0.39
CA THR B 23 -2.61 3.37 -1.21
C THR B 23 -2.04 4.01 -2.46
N MET B 24 -2.85 4.86 -3.12
CA MET B 24 -2.37 5.53 -4.32
C MET B 24 -1.17 6.41 -4.00
N ALA B 25 -1.19 7.07 -2.84
CA ALA B 25 -0.08 7.93 -2.47
C ALA B 25 1.19 7.12 -2.25
N TYR B 26 1.04 5.94 -1.64
CA TYR B 26 2.18 5.05 -1.43
C TYR B 26 2.72 4.54 -2.76
N LEU B 27 1.82 4.22 -3.69
CA LEU B 27 2.29 3.83 -5.02
C LEU B 27 3.03 4.98 -5.71
N CYS B 28 2.51 6.20 -5.58
CA CYS B 28 3.14 7.33 -6.25
C CYS B 28 4.51 7.62 -5.67
N ALA B 29 4.64 7.48 -4.36
CA ALA B 29 5.93 7.70 -3.72
C ALA B 29 6.89 6.59 -4.08
N LEU B 30 6.41 5.34 -4.07
CA LEU B 30 7.25 4.21 -4.45
C LEU B 30 7.74 4.34 -5.88
N LYS B 31 6.90 4.83 -6.77
CA LYS B 31 7.24 4.92 -8.18
C LYS B 31 7.79 6.30 -8.54
N GLU B 32 7.98 7.17 -7.55
CA GLU B 32 8.54 8.49 -7.80
C GLU B 32 7.85 9.16 -9.00
N LEU B 33 6.53 9.08 -9.02
CA LEU B 33 5.79 9.68 -10.13
C LEU B 33 5.65 11.19 -9.97
N GLY B 34 5.72 11.71 -8.76
CA GLY B 34 5.65 13.14 -8.55
C GLY B 34 5.38 13.50 -7.11
N ASP B 35 5.17 14.79 -6.90
CA ASP B 35 4.71 15.28 -5.61
C ASP B 35 3.25 14.85 -5.41
N VAL B 36 2.89 14.58 -4.15
CA VAL B 36 1.59 14.00 -3.82
C VAL B 36 0.90 14.89 -2.80
N VAL B 37 -0.38 15.20 -3.04
CA VAL B 37 -1.20 15.99 -2.15
C VAL B 37 -2.38 15.14 -1.72
N LEU B 38 -2.45 14.85 -0.41
CA LEU B 38 -3.55 14.08 0.17
C LEU B 38 -4.56 15.03 0.78
N PHE B 39 -5.74 15.11 0.17
CA PHE B 39 -6.81 15.95 0.67
C PHE B 39 -7.89 15.08 1.30
N ASP B 40 -8.51 15.60 2.36
CA ASP B 40 -9.65 14.95 2.97
C ASP B 40 -10.36 15.98 3.84
N VAL B 41 -11.64 15.69 4.12
CA VAL B 41 -12.43 16.55 5.01
C VAL B 41 -12.08 16.27 6.46
N VAL B 42 -11.67 15.05 6.78
CA VAL B 42 -11.31 14.70 8.15
C VAL B 42 -10.08 15.51 8.53
N LYS B 43 -10.19 16.27 9.61
CA LYS B 43 -9.10 17.13 10.04
C LYS B 43 -7.95 16.28 10.53
N ASN B 44 -6.75 16.65 10.10
CA ASN B 44 -5.50 16.09 10.58
C ASN B 44 -5.19 14.73 9.97
N MET B 45 -6.22 13.98 9.52
CA MET B 45 -5.92 12.59 9.22
C MET B 45 -5.00 12.52 8.00
N PRO B 46 -5.37 13.22 6.93
CA PRO B 46 -4.48 13.27 5.75
C PRO B 46 -3.08 13.70 6.15
N GLN B 47 -2.96 14.64 7.10
CA GLN B 47 -1.64 15.11 7.53
C GLN B 47 -0.88 14.00 8.22
N GLY B 48 -1.59 13.10 8.92
CA GLY B 48 -0.95 11.95 9.54
C GLY B 48 -0.46 10.96 8.52
N LYS B 49 -1.26 10.69 7.50
CA LYS B 49 -0.86 9.70 6.50
C LYS B 49 0.31 10.23 5.70
N ALA B 50 0.30 11.50 5.35
CA ALA B 50 1.42 12.12 4.64
C ALA B 50 2.71 11.99 5.43
N LEU B 51 2.63 12.17 6.75
CA LEU B 51 3.85 12.09 7.56
C LEU B 51 4.38 10.66 7.59
N ASP B 52 3.48 9.70 7.75
CA ASP B 52 3.87 8.30 7.66
C ASP B 52 4.54 8.01 6.32
N LEU B 53 3.89 8.43 5.23
CA LEU B 53 4.45 8.21 3.90
C LEU B 53 5.78 8.94 3.72
N SER B 54 5.88 10.16 4.22
CA SER B 54 7.14 10.89 4.17
C SER B 54 8.26 10.07 4.81
N HIS B 55 7.97 9.51 5.99
CA HIS B 55 8.92 8.60 6.62
C HIS B 55 9.33 7.49 5.67
N SER B 56 8.38 6.96 4.90
CA SER B 56 8.67 5.78 4.09
C SER B 56 9.61 6.12 2.94
N THR B 57 9.58 7.36 2.45
CA THR B 57 10.50 7.72 1.37
C THR B 57 11.93 7.54 1.82
N SER B 58 12.18 7.61 3.12
CA SER B 58 13.52 7.33 3.64
C SER B 58 13.89 5.87 3.45
N VAL B 59 12.92 4.97 3.67
CA VAL B 59 13.17 3.55 3.44
C VAL B 59 13.30 3.28 1.95
N ALA B 60 12.61 4.05 1.12
CA ALA B 60 12.66 3.87 -0.32
C ALA B 60 13.78 4.69 -0.98
N ASP B 61 14.56 5.44 -0.20
CA ASP B 61 15.60 6.31 -0.75
C ASP B 61 15.05 7.12 -1.93
N THR B 62 13.96 7.84 -1.68
CA THR B 62 13.38 8.73 -2.67
C THR B 62 13.21 10.11 -2.06
N ASN B 63 13.02 11.09 -2.93
CA ASN B 63 12.89 12.49 -2.55
C ASN B 63 11.43 12.97 -2.56
N VAL B 64 10.48 12.03 -2.61
CA VAL B 64 9.10 12.39 -2.95
C VAL B 64 8.49 13.24 -1.85
N LYS B 65 7.85 14.33 -2.25
CA LYS B 65 7.14 15.20 -1.33
C LYS B 65 5.69 14.73 -1.24
N VAL B 66 5.26 14.39 -0.03
CA VAL B 66 3.88 13.98 0.25
C VAL B 66 3.35 14.94 1.31
N THR B 67 2.22 15.58 1.00
CA THR B 67 1.61 16.53 1.91
C THR B 67 0.15 16.18 2.13
N GLY B 68 -0.33 16.47 3.35
CA GLY B 68 -1.73 16.31 3.70
C GLY B 68 -2.38 17.66 3.94
N THR B 69 -3.67 17.75 3.63
CA THR B 69 -4.34 19.02 3.69
C THR B 69 -5.84 18.82 3.75
N ASN B 70 -6.52 19.74 4.42
CA ASN B 70 -7.97 19.81 4.43
C ASN B 70 -8.50 20.98 3.59
N SER B 71 -7.65 21.53 2.72
CA SER B 71 -7.99 22.71 1.93
C SER B 71 -7.76 22.42 0.45
N TYR B 72 -8.73 22.84 -0.38
CA TYR B 72 -8.62 22.63 -1.82
C TYR B 72 -7.54 23.49 -2.46
N GLU B 73 -7.17 24.60 -1.82
CA GLU B 73 -6.20 25.51 -2.43
C GLU B 73 -4.86 24.84 -2.73
N ASP B 74 -4.54 23.76 -2.02
CA ASP B 74 -3.26 23.09 -2.16
C ASP B 74 -3.21 22.12 -3.33
N ILE B 75 -4.29 22.01 -4.11
CA ILE B 75 -4.25 21.17 -5.31
C ILE B 75 -3.87 22.05 -6.50
N LYS B 76 -3.62 23.33 -6.23
CA LYS B 76 -3.25 24.26 -7.29
C LYS B 76 -2.21 23.63 -8.21
N GLY B 77 -2.54 23.57 -9.50
CA GLY B 77 -1.60 23.10 -10.50
C GLY B 77 -1.39 21.60 -10.56
N SER B 78 -2.28 20.80 -9.98
CA SER B 78 -2.15 19.36 -10.08
C SER B 78 -2.08 18.94 -11.54
N ASP B 79 -1.09 18.11 -11.86
CA ASP B 79 -1.06 17.52 -13.19
C ASP B 79 -2.03 16.35 -13.31
N VAL B 80 -2.31 15.70 -12.19
CA VAL B 80 -3.31 14.62 -12.14
C VAL B 80 -4.06 14.73 -10.82
N VAL B 81 -5.38 14.58 -10.89
CA VAL B 81 -6.25 14.50 -9.72
C VAL B 81 -6.94 13.14 -9.76
N ILE B 82 -6.97 12.46 -8.62
CA ILE B 82 -7.66 11.17 -8.50
C ILE B 82 -8.59 11.23 -7.30
N ILE B 83 -9.87 10.93 -7.54
CA ILE B 83 -10.95 11.25 -6.62
C ILE B 83 -11.58 9.98 -6.09
N THR B 84 -11.46 9.76 -4.78
CA THR B 84 -12.15 8.70 -4.08
C THR B 84 -13.22 9.20 -3.12
N ALA B 85 -13.36 10.52 -2.95
CA ALA B 85 -14.29 11.04 -1.94
C ALA B 85 -15.72 10.61 -2.22
N GLY B 86 -16.50 10.47 -1.15
CA GLY B 86 -17.92 10.19 -1.20
C GLY B 86 -18.29 8.94 -0.43
N LEU B 87 -19.52 8.51 -0.61
CA LEU B 87 -20.00 7.30 0.03
C LEU B 87 -19.64 6.08 -0.83
N THR B 88 -19.57 4.93 -0.17
CA THR B 88 -19.23 3.68 -0.83
C THR B 88 -20.43 2.76 -0.88
N LYS B 89 -20.28 1.66 -1.63
CA LYS B 89 -21.33 0.65 -1.73
C LYS B 89 -21.45 -0.20 -0.48
N VAL B 90 -20.45 -0.13 0.42
CA VAL B 90 -20.43 -1.01 1.59
C VAL B 90 -21.77 -1.10 2.30
N PRO B 91 -22.45 0.02 2.60
CA PRO B 91 -23.73 -0.12 3.35
C PRO B 91 -24.79 -0.92 2.60
N GLY B 92 -24.70 -1.01 1.28
CA GLY B 92 -25.65 -1.81 0.52
C GLY B 92 -25.50 -3.28 0.82
N ASP B 95 -29.22 -2.66 3.05
CA ASP B 95 -29.89 -1.39 2.75
C ASP B 95 -30.00 -1.17 1.24
N LYS B 96 -31.15 -1.58 0.69
CA LYS B 96 -31.45 -1.45 -0.74
C LYS B 96 -31.69 0.00 -1.16
N GLU B 97 -32.04 0.88 -0.21
CA GLU B 97 -32.37 2.27 -0.48
C GLU B 97 -31.12 3.16 -0.49
N TRP B 98 -29.97 2.59 -0.12
CA TRP B 98 -28.72 3.32 -0.04
C TRP B 98 -28.31 3.87 -1.40
N SER B 99 -28.28 3.00 -2.42
CA SER B 99 -27.89 3.45 -3.74
C SER B 99 -28.72 4.66 -4.16
N ARG B 100 -30.01 4.65 -3.84
CA ARG B 100 -30.91 5.56 -4.54
C ARG B 100 -30.98 6.95 -3.89
N ASP B 101 -31.19 7.01 -2.58
CA ASP B 101 -31.33 8.28 -1.89
C ASP B 101 -30.12 8.66 -1.05
N ASP B 102 -29.04 7.89 -1.10
CA ASP B 102 -27.81 8.32 -0.47
C ASP B 102 -26.66 8.40 -1.48
N LEU B 103 -26.19 7.24 -1.95
CA LEU B 103 -25.00 7.18 -2.78
C LEU B 103 -25.11 8.14 -3.97
N LEU B 104 -26.15 7.94 -4.77
CA LEU B 104 -26.33 8.75 -5.97
C LEU B 104 -26.49 10.23 -5.66
N PRO B 105 -27.46 10.67 -4.86
CA PRO B 105 -27.64 12.12 -4.69
C PRO B 105 -26.52 12.79 -3.92
N ILE B 106 -25.96 12.14 -2.91
CA ILE B 106 -24.93 12.80 -2.10
C ILE B 106 -23.64 12.94 -2.89
N ASN B 107 -23.21 11.85 -3.54
CA ASN B 107 -21.94 11.87 -4.27
C ASN B 107 -21.99 12.85 -5.43
N ALA B 108 -23.13 12.93 -6.11
CA ALA B 108 -23.28 13.93 -7.17
C ALA B 108 -22.94 15.33 -6.67
N LYS B 109 -23.38 15.68 -5.45
CA LYS B 109 -23.16 17.03 -4.96
C LYS B 109 -21.71 17.25 -4.57
N ILE B 110 -21.05 16.21 -4.04
CA ILE B 110 -19.61 16.32 -3.77
C ILE B 110 -18.83 16.40 -5.07
N MET B 111 -19.23 15.64 -6.09
CA MET B 111 -18.54 15.72 -7.38
C MET B 111 -18.61 17.13 -7.94
N LYS B 112 -19.67 17.87 -7.63
CA LYS B 112 -19.80 19.23 -8.14
C LYS B 112 -18.82 20.17 -7.45
N GLU B 113 -18.76 20.14 -6.12
CA GLU B 113 -17.81 20.99 -5.43
C GLU B 113 -16.38 20.58 -5.77
N VAL B 114 -16.15 19.27 -5.91
CA VAL B 114 -14.84 18.81 -6.37
C VAL B 114 -14.55 19.33 -7.77
N GLY B 115 -15.55 19.31 -8.64
CA GLY B 115 -15.34 19.81 -9.99
C GLY B 115 -15.07 21.29 -10.02
N GLU B 116 -15.79 22.05 -9.20
CA GLU B 116 -15.58 23.50 -9.14
C GLU B 116 -14.20 23.84 -8.61
N ASN B 117 -13.73 23.11 -7.58
CA ASN B 117 -12.39 23.36 -7.07
C ASN B 117 -11.33 23.01 -8.09
N ILE B 118 -11.57 22.00 -8.91
CA ILE B 118 -10.63 21.68 -9.98
C ILE B 118 -10.60 22.80 -11.00
N LYS B 119 -11.77 23.24 -11.43
CA LYS B 119 -11.86 24.31 -12.43
C LYS B 119 -11.16 25.57 -11.95
N LYS B 120 -11.15 25.82 -10.66
CA LYS B 120 -10.55 27.03 -10.12
C LYS B 120 -9.04 26.90 -9.90
N TYR B 121 -8.56 25.71 -9.56
CA TYR B 121 -7.20 25.55 -9.08
C TYR B 121 -6.29 24.73 -9.97
N CYS B 122 -6.83 23.78 -10.74
CA CYS B 122 -6.02 22.95 -11.64
C CYS B 122 -6.85 22.55 -12.85
N PRO B 123 -7.26 23.51 -13.68
CA PRO B 123 -8.12 23.17 -14.83
C PRO B 123 -7.40 22.40 -15.91
N ASN B 124 -6.07 22.38 -15.90
CA ASN B 124 -5.29 21.68 -16.92
C ASN B 124 -4.90 20.28 -16.48
N ALA B 125 -5.52 19.75 -15.44
CA ALA B 125 -5.15 18.47 -14.88
C ALA B 125 -5.92 17.33 -15.54
N PHE B 126 -5.30 16.16 -15.58
CA PHE B 126 -5.99 14.93 -16.00
C PHE B 126 -6.73 14.38 -14.79
N VAL B 127 -8.03 14.15 -14.92
CA VAL B 127 -8.87 13.87 -13.77
C VAL B 127 -9.35 12.43 -13.85
N ILE B 128 -9.09 11.66 -12.80
CA ILE B 128 -9.43 10.25 -12.74
C ILE B 128 -10.40 10.07 -11.58
N CYS B 129 -11.63 9.69 -11.92
CA CYS B 129 -12.67 9.50 -10.92
C CYS B 129 -12.71 8.05 -10.47
N ILE B 130 -13.11 7.84 -9.21
CA ILE B 130 -13.30 6.49 -8.69
C ILE B 130 -14.66 6.36 -8.02
N THR B 131 -15.13 7.45 -7.42
CA THR B 131 -16.41 7.46 -6.69
C THR B 131 -17.54 6.90 -7.54
N ASN B 132 -18.44 6.16 -6.89
CA ASN B 132 -19.49 5.40 -7.56
C ASN B 132 -20.83 6.13 -7.40
N PRO B 133 -21.81 5.93 -8.28
CA PRO B 133 -21.84 5.24 -9.56
C PRO B 133 -20.86 5.90 -10.51
N LEU B 134 -19.75 5.23 -10.78
CA LEU B 134 -18.61 5.87 -11.43
C LEU B 134 -19.01 6.54 -12.73
N ASP B 135 -19.51 5.75 -13.68
CA ASP B 135 -19.83 6.30 -14.99
C ASP B 135 -20.68 7.55 -14.85
N VAL B 136 -21.51 7.61 -13.81
CA VAL B 136 -22.35 8.78 -13.61
C VAL B 136 -21.55 9.92 -13.00
N MET B 137 -20.84 9.64 -11.92
CA MET B 137 -20.09 10.70 -11.24
C MET B 137 -19.00 11.28 -12.14
N VAL B 138 -18.53 10.52 -13.12
CA VAL B 138 -17.57 11.09 -14.08
C VAL B 138 -18.25 12.17 -14.91
N LYS B 139 -19.47 11.90 -15.36
CA LYS B 139 -20.23 12.92 -16.08
C LYS B 139 -20.37 14.17 -15.23
N VAL B 140 -20.82 14.01 -13.98
CA VAL B 140 -21.03 15.14 -13.09
C VAL B 140 -19.74 15.93 -12.91
N LEU B 141 -18.66 15.25 -12.50
CA LEU B 141 -17.38 15.91 -12.34
C LEU B 141 -16.98 16.68 -13.58
N GLN B 142 -17.20 16.08 -14.77
CA GLN B 142 -16.79 16.73 -16.00
C GLN B 142 -17.60 18.01 -16.21
N GLU B 143 -18.92 17.91 -16.09
CA GLU B 143 -19.79 19.06 -16.31
C GLU B 143 -19.52 20.15 -15.29
N ALA B 144 -19.36 19.77 -14.02
CA ALA B 144 -19.11 20.77 -12.99
C ALA B 144 -17.78 21.46 -13.18
N SER B 145 -16.79 20.76 -13.75
CA SER B 145 -15.47 21.34 -13.91
C SER B 145 -15.28 22.03 -15.26
N GLY B 146 -16.07 21.69 -16.26
CA GLY B 146 -15.91 22.26 -17.59
C GLY B 146 -14.65 21.85 -18.31
N LEU B 147 -13.94 20.84 -17.82
CA LEU B 147 -12.71 20.41 -18.45
C LEU B 147 -12.99 19.70 -19.75
N PRO B 148 -12.00 19.60 -20.64
CA PRO B 148 -12.18 18.80 -21.86
C PRO B 148 -12.57 17.36 -21.53
N HIS B 149 -13.52 16.82 -22.28
CA HIS B 149 -14.00 15.47 -22.00
C HIS B 149 -12.87 14.45 -22.00
N ASN B 150 -11.87 14.61 -22.86
CA ASN B 150 -10.77 13.68 -22.96
C ASN B 150 -9.76 13.81 -21.82
N LYS B 151 -9.91 14.82 -20.96
CA LYS B 151 -9.04 14.99 -19.80
C LYS B 151 -9.74 14.62 -18.49
N VAL B 152 -10.88 13.92 -18.57
CA VAL B 152 -11.61 13.47 -17.39
C VAL B 152 -12.12 12.06 -17.69
N CYS B 153 -11.69 11.08 -16.91
CA CYS B 153 -12.08 9.70 -17.12
C CYS B 153 -12.37 9.05 -15.77
N GLY B 154 -12.87 7.83 -15.84
CA GLY B 154 -13.19 7.08 -14.63
C GLY B 154 -12.49 5.74 -14.63
N MET B 155 -12.02 5.34 -13.44
CA MET B 155 -11.38 4.04 -13.28
C MET B 155 -12.45 3.03 -12.90
N ALA B 156 -12.52 1.95 -13.67
CA ALA B 156 -13.38 0.80 -13.40
C ALA B 156 -12.93 -0.40 -14.25
N GLY B 157 -12.83 -0.20 -15.57
CA GLY B 157 -12.43 -1.30 -16.44
C GLY B 157 -11.09 -1.86 -16.04
N VAL B 158 -10.14 -1.03 -15.72
CA VAL B 158 -8.82 -1.55 -15.40
C VAL B 158 -8.94 -2.50 -14.24
N LEU B 159 -9.70 -2.12 -13.20
CA LEU B 159 -9.85 -2.95 -12.03
C LEU B 159 -10.65 -4.21 -12.34
N ASP B 160 -11.81 -4.04 -12.99
CA ASP B 160 -12.61 -5.19 -13.39
C ASP B 160 -11.80 -6.13 -14.27
N SER B 161 -11.02 -5.56 -15.18
CA SER B 161 -10.18 -6.39 -16.04
C SER B 161 -9.02 -7.01 -15.27
N SER B 162 -8.50 -6.33 -14.25
CA SER B 162 -7.45 -6.92 -13.44
C SER B 162 -7.94 -8.19 -12.75
N ARG B 163 -9.22 -8.20 -12.36
CA ARG B 163 -9.80 -9.39 -11.73
C ARG B 163 -10.08 -10.48 -12.77
N PHE B 164 -10.79 -10.11 -13.84
CA PHE B 164 -10.99 -11.01 -14.97
C PHE B 164 -9.67 -11.66 -15.39
N ARG B 165 -8.60 -10.86 -15.49
CA ARG B 165 -7.33 -11.42 -15.91
C ARG B 165 -6.75 -12.34 -14.85
N TYR B 166 -6.84 -11.95 -13.58
CA TYR B 166 -6.28 -12.77 -12.52
C TYR B 166 -6.93 -14.14 -12.50
N PHE B 167 -8.27 -14.17 -12.41
CA PHE B 167 -8.98 -15.44 -12.37
C PHE B 167 -8.57 -16.31 -13.54
N ILE B 168 -8.47 -15.73 -14.74
CA ILE B 168 -8.07 -16.51 -15.92
C ILE B 168 -6.65 -17.06 -15.74
N ALA B 169 -5.70 -16.19 -15.39
CA ALA B 169 -4.32 -16.65 -15.22
C ALA B 169 -4.26 -17.79 -14.22
N GLU B 170 -4.96 -17.62 -13.10
CA GLU B 170 -4.91 -18.60 -12.01
C GLU B 170 -5.29 -20.00 -12.49
N LYS B 171 -6.39 -20.11 -13.24
CA LYS B 171 -6.80 -21.43 -13.73
C LYS B 171 -5.78 -22.00 -14.69
N LEU B 172 -5.32 -21.19 -15.64
CA LEU B 172 -4.37 -21.65 -16.65
C LEU B 172 -2.94 -21.78 -16.12
N ASN B 173 -2.65 -21.23 -14.95
CA ASN B 173 -1.32 -21.32 -14.36
C ASN B 173 -0.27 -20.69 -15.29
N VAL B 174 -0.61 -19.50 -15.80
CA VAL B 174 0.32 -18.62 -16.49
C VAL B 174 0.25 -17.26 -15.81
N SER B 175 1.24 -16.42 -16.11
CA SER B 175 1.30 -15.09 -15.54
C SER B 175 0.11 -14.24 -16.00
N PRO B 176 -0.49 -13.45 -15.09
CA PRO B 176 -1.55 -12.51 -15.52
C PRO B 176 -1.12 -11.57 -16.63
N ARG B 177 0.19 -11.38 -16.79
CA ARG B 177 0.72 -10.46 -17.78
C ARG B 177 0.43 -10.91 -19.21
N ASP B 178 0.26 -12.23 -19.44
CA ASP B 178 -0.04 -12.68 -20.80
C ASP B 178 -1.51 -12.96 -20.98
N VAL B 179 -2.31 -12.83 -19.93
CA VAL B 179 -3.76 -12.86 -20.09
C VAL B 179 -4.22 -11.45 -20.46
N GLN B 180 -4.62 -11.28 -21.71
CA GLN B 180 -5.35 -10.10 -22.13
C GLN B 180 -6.84 -10.40 -21.90
N ALA B 181 -7.46 -9.61 -21.03
CA ALA B 181 -8.88 -9.73 -20.76
C ALA B 181 -9.42 -8.32 -20.55
N MET B 182 -10.63 -8.06 -21.04
CA MET B 182 -11.23 -6.75 -20.96
C MET B 182 -12.65 -6.84 -20.41
N VAL B 183 -13.02 -5.83 -19.62
CA VAL B 183 -14.38 -5.63 -19.15
C VAL B 183 -14.78 -4.24 -19.62
N ILE B 184 -15.91 -4.15 -20.33
CA ILE B 184 -16.38 -2.89 -20.88
C ILE B 184 -17.76 -2.57 -20.29
N GLY B 185 -18.26 -1.39 -20.64
CA GLY B 185 -19.56 -0.94 -20.18
C GLY B 185 -19.51 -0.17 -18.87
N ALA B 186 -20.52 -0.36 -18.05
CA ALA B 186 -20.62 0.33 -16.78
C ALA B 186 -19.95 -0.50 -15.70
N HIS B 187 -19.45 0.19 -14.67
CA HIS B 187 -18.96 -0.49 -13.48
C HIS B 187 -20.15 -0.90 -12.62
N GLY B 188 -20.09 -2.11 -12.07
CA GLY B 188 -21.21 -2.65 -11.31
C GLY B 188 -21.76 -3.90 -11.94
N ASP B 189 -22.94 -4.34 -11.48
CA ASP B 189 -23.50 -5.60 -11.98
C ASP B 189 -23.77 -5.57 -13.47
N ASN B 190 -23.90 -4.40 -14.09
CA ASN B 190 -24.16 -4.31 -15.52
C ASN B 190 -22.88 -4.38 -16.35
N MET B 191 -21.71 -4.55 -15.73
CA MET B 191 -20.47 -4.59 -16.48
C MET B 191 -20.48 -5.78 -17.43
N VAL B 192 -19.77 -5.65 -18.54
CA VAL B 192 -19.78 -6.67 -19.56
C VAL B 192 -18.37 -7.17 -19.80
N PRO B 193 -17.94 -8.23 -19.12
CA PRO B 193 -16.66 -8.86 -19.48
C PRO B 193 -16.78 -9.54 -20.84
N LEU B 194 -15.63 -9.70 -21.49
CA LEU B 194 -15.61 -10.18 -22.88
C LEU B 194 -14.79 -11.46 -22.97
N PRO B 195 -15.39 -12.61 -22.66
CA PRO B 195 -14.63 -13.87 -22.80
C PRO B 195 -14.12 -14.11 -24.20
N ARG B 196 -14.81 -13.59 -25.22
CA ARG B 196 -14.43 -13.87 -26.59
C ARG B 196 -13.14 -13.17 -27.00
N TYR B 197 -12.80 -12.06 -26.32
CA TYR B 197 -11.59 -11.30 -26.65
C TYR B 197 -10.41 -11.69 -25.78
N VAL B 198 -10.58 -12.63 -24.85
CA VAL B 198 -9.50 -13.04 -23.97
C VAL B 198 -8.49 -13.85 -24.75
N THR B 199 -7.20 -13.57 -24.51
CA THR B 199 -6.13 -14.24 -25.21
C THR B 199 -4.97 -14.52 -24.25
N VAL B 200 -4.16 -15.50 -24.62
CA VAL B 200 -2.94 -15.87 -23.93
C VAL B 200 -1.79 -15.50 -24.86
N ASN B 201 -1.30 -14.27 -24.72
CA ASN B 201 -0.28 -13.73 -25.62
C ASN B 201 -0.76 -13.76 -27.07
N GLY B 202 -1.99 -13.29 -27.29
CA GLY B 202 -2.57 -13.26 -28.61
C GLY B 202 -3.29 -14.51 -29.03
N ILE B 203 -3.06 -15.64 -28.36
CA ILE B 203 -3.73 -16.89 -28.70
C ILE B 203 -5.17 -16.81 -28.17
N PRO B 204 -6.19 -17.01 -29.00
CA PRO B 204 -7.56 -17.04 -28.45
C PRO B 204 -7.69 -18.07 -27.33
N LEU B 205 -8.43 -17.70 -26.28
CA LEU B 205 -8.70 -18.63 -25.19
C LEU B 205 -9.42 -19.87 -25.68
N GLN B 206 -10.14 -19.80 -26.80
CA GLN B 206 -10.79 -21.00 -27.32
C GLN B 206 -9.79 -22.12 -27.51
N GLU B 207 -8.56 -21.77 -27.93
CA GLU B 207 -7.54 -22.80 -28.18
C GLU B 207 -7.20 -23.56 -26.91
N PHE B 208 -7.28 -22.90 -25.76
CA PHE B 208 -6.99 -23.59 -24.53
C PHE B 208 -8.18 -24.37 -23.99
N ILE B 209 -9.39 -24.04 -24.41
CA ILE B 209 -10.53 -24.92 -24.14
C ILE B 209 -10.29 -26.28 -24.78
N LYS B 210 -10.08 -26.28 -26.07
CA LYS B 210 -9.92 -27.53 -26.80
C LYS B 210 -8.72 -28.34 -26.35
N LYS B 211 -7.62 -27.67 -26.03
CA LYS B 211 -6.43 -28.35 -25.53
C LYS B 211 -6.49 -28.61 -24.04
N GLY B 212 -7.66 -28.40 -23.41
CA GLY B 212 -7.94 -28.88 -22.08
C GLY B 212 -7.43 -28.04 -20.93
N TRP B 213 -6.89 -26.85 -21.18
CA TRP B 213 -6.45 -26.02 -20.05
C TRP B 213 -7.64 -25.45 -19.28
N ILE B 214 -8.81 -25.39 -19.90
CA ILE B 214 -9.93 -24.62 -19.37
C ILE B 214 -11.21 -25.17 -19.99
N THR B 215 -12.28 -25.13 -19.22
CA THR B 215 -13.62 -25.42 -19.71
C THR B 215 -14.38 -24.11 -19.85
N GLN B 216 -15.40 -24.11 -20.71
CA GLN B 216 -16.17 -22.89 -20.92
C GLN B 216 -17.02 -22.54 -19.70
N GLU B 217 -17.58 -23.54 -19.01
CA GLU B 217 -18.33 -23.24 -17.80
C GLU B 217 -17.42 -22.52 -16.80
N GLU B 218 -16.21 -23.04 -16.59
CA GLU B 218 -15.24 -22.32 -15.77
C GLU B 218 -15.10 -20.88 -16.26
N ILE B 219 -15.05 -20.69 -17.58
CA ILE B 219 -14.96 -19.33 -18.11
C ILE B 219 -16.20 -18.54 -17.77
N ASP B 220 -17.37 -19.19 -17.84
CA ASP B 220 -18.61 -18.51 -17.50
C ASP B 220 -18.65 -18.17 -16.01
N GLU B 221 -18.20 -19.10 -15.14
CA GLU B 221 -18.13 -18.79 -13.72
C GLU B 221 -17.17 -17.65 -13.45
N ILE B 222 -16.06 -17.61 -14.20
CA ILE B 222 -15.07 -16.55 -13.99
C ILE B 222 -15.64 -15.21 -14.42
N VAL B 223 -16.44 -15.20 -15.49
CA VAL B 223 -17.14 -13.98 -15.89
C VAL B 223 -18.04 -13.50 -14.74
N GLU B 224 -18.78 -14.41 -14.12
CA GLU B 224 -19.68 -14.02 -13.04
C GLU B 224 -18.90 -13.58 -11.81
N ARG B 225 -17.89 -14.37 -11.42
CA ARG B 225 -17.06 -13.99 -10.28
C ARG B 225 -16.39 -12.65 -10.52
N THR B 226 -16.07 -12.32 -11.77
CA THR B 226 -15.53 -10.98 -12.05
C THR B 226 -16.57 -9.91 -11.74
N ARG B 227 -17.83 -10.16 -12.13
CA ARG B 227 -18.90 -9.21 -11.87
C ARG B 227 -19.11 -9.01 -10.37
N ASN B 228 -18.99 -10.08 -9.59
CA ASN B 228 -19.29 -10.04 -8.16
C ASN B 228 -18.03 -9.88 -7.30
N ALA B 229 -16.89 -9.57 -7.92
CA ALA B 229 -15.62 -9.62 -7.21
C ALA B 229 -15.59 -8.66 -6.02
N GLY B 230 -16.07 -7.43 -6.23
CA GLY B 230 -16.09 -6.46 -5.14
C GLY B 230 -16.87 -6.97 -3.95
N GLY B 231 -18.11 -7.39 -4.17
CA GLY B 231 -18.92 -7.92 -3.10
C GLY B 231 -18.33 -9.15 -2.46
N GLU B 232 -17.64 -9.99 -3.24
CA GLU B 232 -16.96 -11.14 -2.65
C GLU B 232 -15.94 -10.68 -1.61
N ILE B 233 -15.14 -9.67 -1.95
CA ILE B 233 -14.09 -9.21 -1.05
C ILE B 233 -14.70 -8.54 0.18
N VAL B 234 -15.69 -7.68 -0.02
CA VAL B 234 -16.34 -6.99 1.09
C VAL B 234 -16.87 -8.00 2.11
N ASN B 235 -17.64 -8.98 1.63
CA ASN B 235 -18.17 -10.01 2.53
C ASN B 235 -17.06 -10.71 3.29
N LEU B 236 -15.90 -10.88 2.68
CA LEU B 236 -14.79 -11.51 3.39
C LEU B 236 -14.17 -10.55 4.39
N LEU B 237 -14.02 -9.28 4.00
CA LEU B 237 -13.29 -8.32 4.84
C LEU B 237 -14.04 -8.08 6.16
N GLY B 238 -15.37 -8.07 6.14
CA GLY B 238 -16.16 -7.66 7.29
C GLY B 238 -16.33 -6.16 7.34
N THR B 239 -15.20 -5.45 7.43
CA THR B 239 -15.17 -3.99 7.40
C THR B 239 -14.52 -3.53 6.10
N GLY B 240 -15.18 -2.66 5.37
CA GLY B 240 -14.55 -1.96 4.27
C GLY B 240 -14.59 -2.68 2.94
N SER B 241 -13.76 -2.20 2.03
CA SER B 241 -13.78 -2.64 0.64
C SER B 241 -12.37 -2.94 0.19
N ALA B 242 -12.25 -3.47 -1.01
CA ALA B 242 -10.92 -3.63 -1.56
C ALA B 242 -10.34 -2.26 -1.86
N TYR B 243 -9.02 -2.14 -1.75
CA TYR B 243 -8.37 -0.87 -2.03
C TYR B 243 -7.04 -1.02 -2.74
N PHE B 244 -6.44 -2.21 -2.71
CA PHE B 244 -5.14 -2.41 -3.31
C PHE B 244 -5.20 -2.39 -4.82
N ALA B 245 -6.14 -3.15 -5.41
CA ALA B 245 -6.29 -3.23 -6.85
C ALA B 245 -6.99 -1.98 -7.37
N PRO B 246 -8.03 -1.46 -6.70
CA PRO B 246 -8.54 -0.16 -7.11
C PRO B 246 -7.45 0.89 -7.21
N ALA B 247 -6.52 0.89 -6.24
CA ALA B 247 -5.47 1.91 -6.20
C ALA B 247 -4.47 1.73 -7.33
N ALA B 248 -4.00 0.50 -7.54
CA ALA B 248 -3.04 0.24 -8.61
C ALA B 248 -3.66 0.50 -9.97
N SER B 249 -4.96 0.25 -10.11
CA SER B 249 -5.62 0.50 -11.37
C SER B 249 -5.61 1.99 -11.71
N ALA B 250 -6.00 2.83 -10.76
CA ALA B 250 -6.02 4.26 -11.04
C ALA B 250 -4.62 4.80 -11.27
N ILE B 251 -3.62 4.24 -10.58
CA ILE B 251 -2.27 4.74 -10.75
C ILE B 251 -1.70 4.30 -12.09
N ALA B 252 -2.05 3.08 -12.53
CA ALA B 252 -1.64 2.66 -13.87
C ALA B 252 -2.20 3.62 -14.91
N MET B 253 -3.46 4.04 -14.75
CA MET B 253 -3.99 5.07 -15.64
C MET B 253 -3.22 6.37 -15.48
N ALA B 254 -2.97 6.79 -14.24
CA ALA B 254 -2.25 8.03 -14.02
C ALA B 254 -0.82 7.94 -14.58
N GLU B 255 -0.19 6.78 -14.46
CA GLU B 255 1.16 6.60 -15.01
C GLU B 255 1.14 6.68 -16.53
N ALA B 256 0.17 6.03 -17.16
CA ALA B 256 0.06 6.07 -18.61
C ALA B 256 -0.04 7.50 -19.12
N TYR B 257 -0.67 8.38 -18.35
CA TYR B 257 -0.77 9.79 -18.72
C TYR B 257 0.56 10.47 -18.47
N LEU B 258 1.07 10.39 -17.24
CA LEU B 258 2.23 11.18 -16.86
C LEU B 258 3.44 10.82 -17.71
N LYS B 259 3.52 9.58 -18.20
CA LYS B 259 4.67 9.14 -18.98
C LYS B 259 4.32 8.84 -20.43
N ASP B 260 3.13 9.25 -20.88
CA ASP B 260 2.74 9.13 -22.28
C ASP B 260 3.00 7.74 -22.81
N GLN B 261 2.54 6.75 -22.04
CA GLN B 261 2.81 5.35 -22.38
C GLN B 261 1.89 4.79 -23.46
N LYS B 262 0.81 5.47 -23.81
CA LYS B 262 -0.08 5.01 -24.87
C LYS B 262 -0.54 3.58 -24.60
N ARG B 263 -0.95 3.34 -23.36
CA ARG B 263 -1.44 2.05 -22.92
C ARG B 263 -2.91 1.86 -23.31
N VAL B 264 -3.24 0.64 -23.74
CA VAL B 264 -4.62 0.25 -24.03
C VAL B 264 -5.27 -0.21 -22.73
N LEU B 265 -6.28 0.53 -22.27
CA LEU B 265 -6.93 0.22 -20.99
C LEU B 265 -8.42 0.52 -21.01
N PRO B 266 -9.26 -0.42 -20.56
CA PRO B 266 -10.70 -0.13 -20.44
C PRO B 266 -10.92 0.92 -19.35
N CYS B 267 -11.46 2.06 -19.75
CA CYS B 267 -11.66 3.19 -18.87
C CYS B 267 -13.01 3.81 -19.18
N SER B 268 -13.60 4.46 -18.19
CA SER B 268 -14.90 5.11 -18.36
C SER B 268 -14.65 6.45 -19.05
N CYS B 269 -14.93 6.52 -20.36
CA CYS B 269 -14.62 7.71 -21.14
C CYS B 269 -15.84 8.17 -21.92
N TYR B 270 -15.77 9.42 -22.37
CA TYR B 270 -16.86 10.10 -23.04
C TYR B 270 -16.97 9.60 -24.47
N LEU B 271 -18.12 9.04 -24.80
CA LEU B 271 -18.42 8.60 -26.15
C LEU B 271 -19.19 9.68 -26.89
N GLU B 272 -18.81 9.88 -28.15
CA GLU B 272 -19.44 10.86 -29.04
C GLU B 272 -19.81 10.15 -30.34
N GLY B 273 -20.64 9.11 -30.22
CA GLY B 273 -21.09 8.32 -31.34
C GLY B 273 -20.53 6.91 -31.36
N GLN B 274 -19.33 6.71 -30.85
CA GLN B 274 -18.76 5.38 -30.81
C GLN B 274 -19.70 4.42 -30.09
N TYR B 275 -19.77 3.18 -30.57
CA TYR B 275 -20.61 2.13 -30.01
C TYR B 275 -22.09 2.48 -30.02
N GLY B 276 -22.51 3.50 -30.76
CA GLY B 276 -23.88 3.94 -30.74
C GLY B 276 -24.24 4.82 -29.56
N VAL B 277 -23.28 5.18 -28.72
CA VAL B 277 -23.55 5.99 -27.54
C VAL B 277 -23.26 7.44 -27.89
N LYS B 278 -24.11 8.33 -27.43
CA LYS B 278 -23.93 9.74 -27.75
C LYS B 278 -23.98 10.53 -26.46
N ASP B 279 -22.96 11.37 -26.25
CA ASP B 279 -22.82 12.28 -25.11
C ASP B 279 -23.06 11.54 -23.78
N LEU B 280 -22.14 10.66 -23.44
CA LEU B 280 -22.27 9.85 -22.25
C LEU B 280 -20.93 9.20 -21.93
N TYR B 281 -20.63 9.09 -20.63
CA TYR B 281 -19.42 8.39 -20.19
C TYR B 281 -19.75 6.92 -19.96
N VAL B 282 -18.90 6.03 -20.49
CA VAL B 282 -19.05 4.60 -20.23
C VAL B 282 -17.71 3.90 -20.45
N GLY B 283 -17.60 2.65 -19.99
CA GLY B 283 -16.36 1.90 -20.08
C GLY B 283 -16.06 1.30 -21.43
N VAL B 284 -15.01 1.81 -22.09
CA VAL B 284 -14.59 1.31 -23.40
C VAL B 284 -13.07 1.18 -23.40
N PRO B 285 -12.55 0.30 -24.25
CA PRO B 285 -11.08 0.22 -24.39
C PRO B 285 -10.57 1.47 -25.12
N VAL B 286 -9.61 2.14 -24.49
CA VAL B 286 -9.10 3.43 -24.99
C VAL B 286 -7.58 3.43 -24.88
N VAL B 287 -6.96 4.39 -25.56
CA VAL B 287 -5.53 4.65 -25.46
C VAL B 287 -5.34 5.85 -24.54
N ILE B 288 -4.62 5.65 -23.45
CA ILE B 288 -4.25 6.72 -22.52
C ILE B 288 -2.85 7.18 -22.84
N GLY B 289 -2.68 8.48 -23.06
CA GLY B 289 -1.38 9.06 -23.35
C GLY B 289 -1.23 10.41 -22.68
N GLY B 290 -0.10 11.06 -23.00
CA GLY B 290 0.25 12.36 -22.45
C GLY B 290 -0.81 13.42 -22.61
N ASN B 291 -1.69 13.24 -23.59
CA ASN B 291 -2.80 14.15 -23.83
C ASN B 291 -4.12 13.61 -23.31
N GLY B 292 -4.08 12.58 -22.47
CA GLY B 292 -5.29 12.07 -21.84
C GLY B 292 -5.87 10.87 -22.55
N VAL B 293 -7.20 10.79 -22.61
CA VAL B 293 -7.89 9.80 -23.44
C VAL B 293 -7.68 10.20 -24.90
N GLU B 294 -6.77 9.54 -25.60
CA GLU B 294 -6.41 10.01 -26.94
C GLU B 294 -7.20 9.34 -28.05
N LYS B 295 -7.64 8.09 -27.85
CA LYS B 295 -8.38 7.39 -28.88
C LYS B 295 -9.30 6.37 -28.21
N VAL B 296 -10.55 6.36 -28.63
CA VAL B 296 -11.50 5.31 -28.27
C VAL B 296 -11.38 4.20 -29.32
N ILE B 297 -11.20 2.97 -28.86
CA ILE B 297 -11.19 1.81 -29.75
C ILE B 297 -12.62 1.29 -29.85
N GLU B 298 -13.13 1.17 -31.07
CA GLU B 298 -14.48 0.67 -31.31
C GLU B 298 -14.36 -0.79 -31.70
N LEU B 299 -14.55 -1.67 -30.73
CA LEU B 299 -14.48 -3.10 -30.98
C LEU B 299 -15.61 -3.56 -31.90
N GLU B 300 -15.33 -4.62 -32.66
CA GLU B 300 -16.33 -5.24 -33.53
C GLU B 300 -17.15 -6.22 -32.70
N LEU B 301 -18.00 -5.65 -31.85
CA LEU B 301 -18.78 -6.48 -30.94
C LEU B 301 -19.84 -7.27 -31.69
N THR B 302 -20.02 -8.53 -31.31
CA THR B 302 -21.16 -9.30 -31.80
C THR B 302 -22.46 -8.64 -31.34
N PRO B 303 -23.58 -8.98 -31.99
CA PRO B 303 -24.87 -8.42 -31.52
C PRO B 303 -25.17 -8.80 -30.08
N GLU B 304 -24.94 -10.06 -29.69
CA GLU B 304 -25.12 -10.47 -28.30
C GLU B 304 -24.31 -9.57 -27.38
N GLU B 305 -23.02 -9.37 -27.69
CA GLU B 305 -22.19 -8.52 -26.85
C GLU B 305 -22.68 -7.07 -26.88
N LYS B 306 -23.13 -6.59 -28.03
CA LYS B 306 -23.58 -5.21 -28.12
C LYS B 306 -24.88 -5.00 -27.35
N GLU B 307 -25.78 -5.99 -27.38
CA GLU B 307 -26.98 -5.93 -26.55
C GLU B 307 -26.61 -5.82 -25.08
N MET B 308 -25.76 -6.73 -24.61
CA MET B 308 -25.24 -6.63 -23.26
C MET B 308 -24.74 -5.23 -22.96
N PHE B 309 -23.95 -4.67 -23.87
CA PHE B 309 -23.39 -3.33 -23.71
C PHE B 309 -24.49 -2.27 -23.65
N ASP B 310 -25.37 -2.25 -24.65
CA ASP B 310 -26.42 -1.24 -24.67
C ASP B 310 -27.25 -1.28 -23.39
N LYS B 311 -27.59 -2.48 -22.91
CA LYS B 311 -28.31 -2.59 -21.65
C LYS B 311 -27.50 -1.96 -20.51
N SER B 312 -26.18 -2.12 -20.57
CA SER B 312 -25.31 -1.54 -19.55
C SER B 312 -25.32 -0.02 -19.62
N ILE B 313 -25.31 0.55 -20.83
CA ILE B 313 -25.37 2.00 -20.97
C ILE B 313 -26.75 2.55 -20.62
N GLU B 314 -27.82 1.77 -20.80
CA GLU B 314 -29.16 2.26 -20.48
C GLU B 314 -29.31 2.49 -18.97
N GLU B 315 -28.82 1.55 -18.14
CA GLU B 315 -28.90 1.74 -16.70
C GLU B 315 -28.10 2.97 -16.27
N VAL B 316 -26.97 3.22 -16.94
CA VAL B 316 -26.22 4.43 -16.70
C VAL B 316 -27.06 5.65 -17.09
N ARG B 317 -27.74 5.58 -18.24
CA ARG B 317 -28.58 6.69 -18.67
C ARG B 317 -29.65 7.00 -17.63
N GLU B 318 -30.33 5.95 -17.13
CA GLU B 318 -31.41 6.16 -16.17
C GLU B 318 -30.93 6.99 -14.99
N LEU B 319 -29.75 6.65 -14.44
CA LEU B 319 -29.30 7.29 -13.21
C LEU B 319 -28.81 8.71 -13.42
N VAL B 320 -28.27 9.01 -14.61
CA VAL B 320 -27.94 10.39 -14.95
C VAL B 320 -29.23 11.20 -15.20
N LYS B 321 -30.24 10.54 -15.75
CA LYS B 321 -31.53 11.21 -15.85
C LYS B 321 -32.11 11.47 -14.47
N ALA B 322 -32.19 10.45 -13.62
CA ALA B 322 -32.73 10.65 -12.28
C ALA B 322 -31.97 11.74 -11.53
N LEU B 323 -30.64 11.80 -11.68
CA LEU B 323 -29.88 12.81 -10.96
C LEU B 323 -30.09 14.19 -11.57
N GLU B 324 -30.15 14.27 -12.90
CA GLU B 324 -30.41 15.56 -13.55
C GLU B 324 -31.76 16.14 -13.18
N ALA B 325 -32.72 15.29 -12.77
CA ALA B 325 -34.03 15.79 -12.36
C ALA B 325 -33.91 16.85 -11.26
N LEU B 326 -33.28 16.50 -10.15
CA LEU B 326 -33.16 17.42 -9.02
C LEU B 326 -32.35 18.65 -9.37
#